data_8OKW
#
_entry.id   8OKW
#
_cell.length_a   52.161
_cell.length_b   87.682
_cell.length_c   52.754
_cell.angle_alpha   90.00
_cell.angle_beta   118.88
_cell.angle_gamma   90.00
#
_symmetry.space_group_name_H-M   'P 1 21 1'
#
loop_
_entity.id
_entity.type
_entity.pdbx_description
1 polymer 'Cell wall surface anchor family protein'
2 water water
#
_entity_poly.entity_id   1
_entity_poly.type   'polypeptide(L)'
_entity_poly.pdbx_seq_one_letter_code
;MAHHHHHHTSTLMGSLTMLGKAGCQWEHANTSFASFSNVVACNTATVTGLASAPTEGKIPGIRFANLPAGDYELTVLIFS
MYPVDAGVYCRYRLWDGTNFSGMAGAYESEIYQMTGLFSYATDQTNLTFYVQAQTLTATKNCRADITVPGQDKMQIYLKK
L
;
_entity_poly.pdbx_strand_id   C,A,B
#
# COMPACT_ATOMS: atom_id res chain seq x y z
N THR A 11 -7.33 6.48 14.61
CA THR A 11 -6.54 7.33 15.53
C THR A 11 -5.11 6.78 15.68
N LEU A 12 -4.18 7.71 15.60
CA LEU A 12 -2.72 7.40 15.64
C LEU A 12 -2.32 6.99 17.06
N MET A 13 -2.12 5.71 17.31
CA MET A 13 -1.71 5.24 18.62
C MET A 13 -0.27 5.62 18.94
N GLY A 14 0.60 5.61 17.94
CA GLY A 14 1.99 5.98 18.16
C GLY A 14 2.79 5.77 16.90
N SER A 15 3.98 6.38 16.86
CA SER A 15 4.82 6.23 15.68
C SER A 15 6.29 6.19 16.04
N LEU A 16 7.10 5.75 15.06
CA LEU A 16 8.54 5.55 15.24
C LEU A 16 9.17 5.88 13.91
N THR A 17 10.19 6.75 13.93
CA THR A 17 10.88 7.25 12.75
C THR A 17 12.38 7.08 12.96
N MET A 18 13.07 6.49 12.00
CA MET A 18 14.52 6.38 12.04
C MET A 18 15.02 6.92 10.71
N LEU A 19 15.87 7.93 10.77
CA LEU A 19 16.48 8.54 9.59
C LEU A 19 17.69 7.73 9.16
N GLY A 20 17.93 7.71 7.86
CA GLY A 20 18.97 6.87 7.31
C GLY A 20 20.36 7.36 7.70
N LYS A 21 21.32 6.43 7.61
CA LYS A 21 22.66 6.67 8.13
C LYS A 21 23.53 5.55 7.58
N ALA A 22 24.74 5.93 7.09
CA ALA A 22 25.66 4.94 6.55
C ALA A 22 25.78 3.75 7.49
N GLY A 23 25.75 2.54 6.94
CA GLY A 23 25.89 1.36 7.80
C GLY A 23 24.60 0.86 8.38
N CYS A 24 23.52 1.67 8.37
CA CYS A 24 22.21 1.28 8.91
C CYS A 24 21.47 0.41 7.87
N GLN A 25 21.84 -0.86 7.82
CA GLN A 25 21.11 -1.83 7.05
C GLN A 25 21.09 -3.11 7.88
N TRP A 26 19.97 -3.82 7.79
CA TRP A 26 19.71 -5.05 8.50
C TRP A 26 19.61 -6.20 7.51
N GLU A 27 20.12 -7.38 7.85
CA GLU A 27 19.93 -8.51 6.97
C GLU A 27 20.13 -9.78 7.76
N HIS A 28 19.54 -10.85 7.23
CA HIS A 28 19.87 -12.19 7.71
C HIS A 28 19.51 -13.17 6.61
N ALA A 29 19.99 -14.39 6.76
CA ALA A 29 19.79 -15.45 5.80
C ALA A 29 19.08 -16.61 6.47
N ASN A 30 18.10 -16.30 7.29
CA ASN A 30 17.34 -17.32 7.98
C ASN A 30 16.27 -17.84 7.05
N THR A 31 16.23 -19.16 6.87
CA THR A 31 15.17 -19.74 6.04
C THR A 31 13.87 -19.89 6.80
N SER A 32 13.88 -19.53 8.07
CA SER A 32 12.60 -19.46 8.84
C SER A 32 12.35 -17.98 9.13
N PHE A 33 11.09 -17.56 9.20
CA PHE A 33 10.80 -16.12 9.40
C PHE A 33 11.54 -15.66 10.67
N ALA A 34 12.23 -14.53 10.57
CA ALA A 34 12.89 -14.00 11.78
C ALA A 34 13.02 -12.48 11.72
N SER A 35 12.92 -11.83 12.87
CA SER A 35 13.14 -10.39 12.98
C SER A 35 14.60 -10.06 12.68
N PHE A 36 14.84 -8.78 12.40
CA PHE A 36 16.22 -8.31 12.29
C PHE A 36 16.73 -7.92 13.67
N SER A 37 18.06 -7.71 13.77
CA SER A 37 18.71 -7.49 15.06
C SER A 37 19.42 -6.14 15.09
N ASN A 38 19.69 -5.66 16.31
CA ASN A 38 20.28 -4.35 16.52
C ASN A 38 21.51 -4.12 15.67
N VAL A 39 21.55 -2.97 15.00
CA VAL A 39 22.75 -2.48 14.30
C VAL A 39 23.15 -1.13 14.95
N VAL A 40 24.38 -1.07 15.50
CA VAL A 40 24.74 0.11 16.30
C VAL A 40 24.87 1.38 15.45
N ALA A 41 25.23 1.24 14.17
CA ALA A 41 25.39 2.41 13.32
C ALA A 41 24.10 3.17 13.07
N CYS A 42 22.94 2.56 13.28
CA CYS A 42 21.67 3.23 12.99
C CYS A 42 21.48 4.42 13.91
N ASN A 43 20.68 5.38 13.46
CA ASN A 43 20.28 6.49 14.32
C ASN A 43 19.32 5.97 15.36
N THR A 44 19.31 6.61 16.53
CA THR A 44 18.21 6.42 17.47
C THR A 44 16.90 6.89 16.85
N ALA A 45 15.88 6.06 16.94
CA ALA A 45 14.55 6.43 16.45
C ALA A 45 13.92 7.48 17.36
N THR A 46 13.03 8.28 16.75
CA THR A 46 12.16 9.21 17.49
C THR A 46 10.76 8.57 17.58
N VAL A 47 10.11 8.70 18.72
CA VAL A 47 8.84 8.05 18.95
C VAL A 47 7.82 9.11 19.35
N THR A 48 6.55 8.83 19.05
CA THR A 48 5.43 9.65 19.45
C THR A 48 4.33 8.76 20.00
N GLY A 49 3.42 9.39 20.78
CA GLY A 49 2.25 8.73 21.30
C GLY A 49 2.56 7.64 22.31
N LEU A 50 1.99 6.46 22.13
CA LEU A 50 2.19 5.35 23.04
C LEU A 50 3.38 4.48 22.65
N ALA A 51 4.13 4.86 21.62
CA ALA A 51 5.11 3.98 21.01
C ALA A 51 6.46 4.13 21.68
N SER A 52 7.24 3.07 21.65
CA SER A 52 8.61 3.13 22.13
C SER A 52 9.48 2.29 21.19
N ALA A 53 10.81 2.38 21.37
CA ALA A 53 11.68 1.51 20.59
C ALA A 53 11.58 0.07 21.11
N PRO A 54 11.69 -0.91 20.22
CA PRO A 54 11.77 -2.31 20.68
C PRO A 54 12.85 -2.41 21.74
N THR A 55 12.62 -3.30 22.72
CA THR A 55 13.68 -3.54 23.71
C THR A 55 14.91 -4.16 23.04
N GLU A 56 14.75 -4.82 21.89
CA GLU A 56 15.90 -5.38 21.18
C GLU A 56 16.81 -4.33 20.55
N GLY A 57 16.36 -3.08 20.43
CA GLY A 57 17.29 -2.05 20.02
C GLY A 57 16.90 -1.43 18.69
N LYS A 58 17.89 -1.05 17.86
CA LYS A 58 17.65 -0.35 16.59
C LYS A 58 17.35 -1.41 15.52
N ILE A 59 16.07 -1.73 15.36
CA ILE A 59 15.63 -2.74 14.39
C ILE A 59 14.38 -2.21 13.70
N PRO A 60 13.92 -2.85 12.63
CA PRO A 60 12.62 -2.46 12.04
C PRO A 60 11.48 -3.03 12.86
N GLY A 61 10.90 -2.18 13.70
CA GLY A 61 9.90 -2.64 14.67
C GLY A 61 9.50 -1.47 15.55
N ILE A 62 8.42 -1.68 16.29
CA ILE A 62 7.90 -0.63 17.15
C ILE A 62 7.24 -1.30 18.35
N ARG A 63 7.40 -0.70 19.52
CA ARG A 63 6.91 -1.29 20.76
C ARG A 63 5.78 -0.45 21.37
N PHE A 64 4.78 -1.13 21.93
CA PHE A 64 3.70 -0.50 22.69
C PHE A 64 3.71 -1.15 24.06
N ALA A 65 4.19 -0.40 25.06
CA ALA A 65 4.21 -0.94 26.42
C ALA A 65 2.79 -1.29 26.88
N ASN A 66 1.82 -0.44 26.50
CA ASN A 66 0.40 -0.70 26.72
C ASN A 66 -0.34 -0.41 25.44
N LEU A 67 -1.36 -1.23 25.15
CA LEU A 67 -2.22 -0.97 24.00
C LEU A 67 -3.61 -1.46 24.35
N PRO A 68 -4.66 -0.62 24.21
CA PRO A 68 -6.02 -1.05 24.56
C PRO A 68 -6.51 -2.17 23.64
N ALA A 69 -7.47 -2.95 24.14
CA ALA A 69 -8.18 -3.85 23.23
C ALA A 69 -8.67 -3.04 22.02
N GLY A 70 -8.69 -3.66 20.85
CA GLY A 70 -9.18 -2.96 19.67
C GLY A 70 -8.68 -3.63 18.40
N ASP A 71 -9.05 -2.99 17.28
CA ASP A 71 -8.55 -3.35 15.95
C ASP A 71 -7.58 -2.28 15.48
N TYR A 72 -6.46 -2.70 14.89
CA TYR A 72 -5.36 -1.79 14.59
C TYR A 72 -4.82 -2.09 13.21
N GLU A 73 -4.47 -1.03 12.50
CA GLU A 73 -3.74 -1.13 11.26
C GLU A 73 -2.32 -0.68 11.51
N LEU A 74 -1.36 -1.55 11.16
CA LEU A 74 0.06 -1.23 11.29
C LEU A 74 0.59 -0.91 9.90
N THR A 75 1.31 0.20 9.80
CA THR A 75 1.94 0.56 8.53
C THR A 75 3.44 0.78 8.74
N VAL A 76 4.23 0.19 7.83
CA VAL A 76 5.67 0.36 7.74
C VAL A 76 5.98 1.01 6.39
N LEU A 77 6.52 2.21 6.42
CA LEU A 77 7.09 2.87 5.24
C LEU A 77 8.61 2.76 5.33
N ILE A 78 9.23 2.16 4.32
CA ILE A 78 10.71 2.00 4.35
C ILE A 78 11.29 1.98 2.93
N PHE A 79 12.28 2.84 2.68
CA PHE A 79 13.01 2.77 1.39
C PHE A 79 14.45 2.38 1.73
N SER A 80 14.76 1.07 1.67
CA SER A 80 13.94 0.03 1.00
C SER A 80 14.31 -1.36 1.54
N MET A 81 13.57 -2.37 1.12
CA MET A 81 13.89 -3.77 1.52
C MET A 81 14.02 -4.63 0.27
N TYR A 82 15.04 -5.48 0.19
CA TYR A 82 15.27 -6.27 -1.01
C TYR A 82 16.14 -7.46 -0.67
N PRO A 83 16.15 -8.49 -1.51
CA PRO A 83 17.14 -9.56 -1.38
C PRO A 83 18.48 -9.08 -1.92
N VAL A 84 19.53 -9.38 -1.17
CA VAL A 84 20.87 -8.86 -1.50
C VAL A 84 21.33 -9.36 -2.86
N ASP A 85 21.09 -10.63 -3.16
CA ASP A 85 21.59 -11.27 -4.38
C ASP A 85 20.50 -11.46 -5.42
N ALA A 86 20.90 -11.43 -6.68
CA ALA A 86 19.96 -11.78 -7.74
C ALA A 86 19.62 -13.27 -7.68
N GLY A 87 18.46 -13.60 -8.23
CA GLY A 87 18.02 -14.97 -8.25
C GLY A 87 17.53 -15.52 -6.94
N VAL A 88 17.31 -14.66 -5.94
CA VAL A 88 16.95 -15.10 -4.59
C VAL A 88 15.61 -14.48 -4.25
N TYR A 89 14.69 -15.32 -3.75
CA TYR A 89 13.37 -14.88 -3.35
C TYR A 89 13.35 -14.71 -1.82
N CYS A 90 12.80 -13.57 -1.36
CA CYS A 90 12.65 -13.25 0.07
C CYS A 90 11.19 -13.02 0.41
N ARG A 91 10.71 -13.60 1.51
CA ARG A 91 9.38 -13.27 2.02
C ARG A 91 9.53 -12.37 3.23
N TYR A 92 8.62 -11.41 3.33
CA TYR A 92 8.60 -10.53 4.51
C TYR A 92 7.20 -10.55 5.10
N ARG A 93 7.10 -10.41 6.42
CA ARG A 93 5.78 -10.31 7.05
C ARG A 93 5.83 -9.35 8.22
N LEU A 94 4.68 -8.86 8.61
CA LEU A 94 4.56 -8.13 9.87
C LEU A 94 4.13 -9.13 10.96
N TRP A 95 4.73 -9.00 12.17
CA TRP A 95 4.61 -10.00 13.23
C TRP A 95 4.43 -9.32 14.60
N ASP A 96 3.43 -9.74 15.38
CA ASP A 96 3.24 -9.13 16.68
C ASP A 96 3.67 -10.05 17.82
N GLY A 97 4.36 -11.14 17.50
CA GLY A 97 4.74 -12.12 18.48
C GLY A 97 3.84 -13.34 18.51
N THR A 98 2.63 -13.21 17.99
CA THR A 98 1.62 -14.28 17.97
C THR A 98 1.05 -14.51 16.58
N ASN A 99 0.65 -13.44 15.88
CA ASN A 99 0.05 -13.53 14.58
C ASN A 99 0.86 -12.70 13.59
N PHE A 100 0.76 -13.08 12.32
CA PHE A 100 1.37 -12.30 11.25
C PHE A 100 0.26 -11.68 10.42
N SER A 101 0.65 -10.63 9.65
CA SER A 101 -0.22 -9.97 8.67
C SER A 101 0.66 -9.30 7.62
N GLY A 102 0.09 -9.09 6.44
CA GLY A 102 0.71 -8.27 5.39
C GLY A 102 1.93 -8.87 4.74
N MET A 103 1.91 -10.18 4.46
CA MET A 103 3.05 -10.84 3.85
C MET A 103 3.32 -10.31 2.44
N ALA A 104 4.60 -10.16 2.11
CA ALA A 104 5.03 -9.62 0.81
C ALA A 104 6.25 -10.40 0.35
N GLY A 105 6.58 -10.30 -0.92
CA GLY A 105 7.71 -11.00 -1.48
C GLY A 105 8.57 -10.06 -2.30
N ALA A 106 9.81 -10.50 -2.52
CA ALA A 106 10.73 -9.71 -3.33
C ALA A 106 11.69 -10.67 -4.04
N TYR A 107 11.94 -10.36 -5.30
CA TYR A 107 12.84 -11.13 -6.13
C TYR A 107 13.37 -10.14 -7.16
N GLU A 108 14.65 -9.76 -7.04
CA GLU A 108 15.21 -8.75 -7.92
C GLU A 108 14.29 -7.51 -7.95
N SER A 109 13.81 -7.14 -6.77
CA SER A 109 12.76 -6.15 -6.61
C SER A 109 12.82 -5.70 -5.16
N GLU A 110 12.07 -4.65 -4.85
CA GLU A 110 12.10 -4.02 -3.54
C GLU A 110 10.69 -3.92 -2.94
N ILE A 111 10.67 -3.80 -1.62
CA ILE A 111 9.48 -3.47 -0.86
C ILE A 111 9.68 -2.09 -0.22
N TYR A 112 8.67 -1.24 -0.38
CA TYR A 112 8.67 0.11 0.12
C TYR A 112 7.66 0.33 1.22
N GLN A 113 6.67 -0.56 1.34
CA GLN A 113 5.59 -0.36 2.32
C GLN A 113 5.05 -1.72 2.74
N MET A 114 4.64 -1.81 3.98
CA MET A 114 3.94 -2.99 4.45
C MET A 114 2.78 -2.54 5.33
N THR A 115 1.69 -3.30 5.27
CA THR A 115 0.45 -3.00 5.97
C THR A 115 -0.10 -4.27 6.59
N GLY A 116 -0.51 -4.20 7.85
CA GLY A 116 -1.03 -5.35 8.55
C GLY A 116 -2.26 -4.99 9.36
N LEU A 117 -3.13 -5.98 9.56
CA LEU A 117 -4.31 -5.84 10.39
C LEU A 117 -4.20 -6.76 11.61
N PHE A 118 -4.31 -6.18 12.81
CA PHE A 118 -4.18 -6.92 14.06
C PHE A 118 -5.32 -6.59 15.00
N SER A 119 -5.88 -7.59 15.70
CA SER A 119 -6.96 -7.31 16.64
C SER A 119 -6.66 -7.96 17.99
N TYR A 120 -7.10 -7.31 19.08
CA TYR A 120 -6.89 -7.78 20.45
C TYR A 120 -8.19 -7.63 21.23
N ALA A 121 -8.65 -8.72 21.84
CA ALA A 121 -9.89 -8.67 22.59
C ALA A 121 -9.68 -8.14 24.00
N THR A 122 -8.43 -8.09 24.47
CA THR A 122 -8.13 -7.56 25.79
C THR A 122 -6.92 -6.64 25.67
N ASP A 123 -6.75 -5.76 26.67
CA ASP A 123 -5.60 -4.86 26.72
C ASP A 123 -4.30 -5.64 26.70
N GLN A 124 -3.32 -5.09 26.00
CA GLN A 124 -2.02 -5.71 25.78
C GLN A 124 -0.93 -4.95 26.54
N THR A 125 0.10 -5.67 26.99
CA THR A 125 1.27 -5.04 27.58
C THR A 125 2.51 -5.55 26.86
N ASN A 126 3.53 -4.71 26.77
CA ASN A 126 4.83 -5.13 26.21
C ASN A 126 4.65 -5.82 24.86
N LEU A 127 3.92 -5.16 23.98
CA LEU A 127 3.56 -5.73 22.70
C LEU A 127 4.47 -5.12 21.65
N THR A 128 5.26 -5.93 20.97
CA THR A 128 6.14 -5.37 19.94
C THR A 128 5.74 -5.89 18.57
N PHE A 129 5.67 -5.01 17.58
CA PHE A 129 5.48 -5.38 16.18
C PHE A 129 6.82 -5.33 15.46
N TYR A 130 7.10 -6.37 14.65
CA TYR A 130 8.35 -6.59 13.96
C TYR A 130 8.11 -6.74 12.46
N VAL A 131 9.04 -6.21 11.67
CA VAL A 131 9.23 -6.69 10.31
C VAL A 131 10.07 -7.97 10.37
N GLN A 132 9.61 -9.04 9.73
CA GLN A 132 10.37 -10.27 9.69
C GLN A 132 10.60 -10.66 8.25
N ALA A 133 11.63 -11.49 8.02
CA ALA A 133 11.96 -11.92 6.68
C ALA A 133 12.41 -13.38 6.71
N GLN A 134 12.38 -13.99 5.53
CA GLN A 134 12.79 -15.40 5.38
C GLN A 134 13.37 -15.55 3.97
N THR A 135 14.61 -16.00 3.85
CA THR A 135 15.17 -16.26 2.53
C THR A 135 14.79 -17.64 2.04
N LEU A 136 14.66 -17.79 0.72
CA LEU A 136 14.38 -19.10 0.17
C LEU A 136 15.64 -19.80 -0.31
N THR A 137 16.82 -19.20 -0.08
CA THR A 137 18.11 -19.85 -0.37
C THR A 137 19.04 -19.65 0.82
N ALA A 138 19.49 -20.73 1.42
CA ALA A 138 20.36 -20.60 2.59
C ALA A 138 21.65 -19.87 2.20
N THR A 139 22.17 -19.07 3.15
CA THR A 139 23.36 -18.24 3.02
C THR A 139 23.11 -16.95 2.23
N LYS A 140 21.95 -16.78 1.58
CA LYS A 140 21.64 -15.60 0.79
C LYS A 140 20.72 -14.69 1.59
N ASN A 141 21.12 -13.44 1.76
CA ASN A 141 20.48 -12.59 2.74
C ASN A 141 19.27 -11.83 2.18
N CYS A 142 18.29 -11.61 3.07
CA CYS A 142 17.24 -10.62 2.88
C CYS A 142 17.61 -9.38 3.68
N ARG A 143 17.39 -8.19 3.09
CA ARG A 143 17.92 -6.96 3.64
C ARG A 143 16.82 -5.91 3.77
N ALA A 144 16.96 -5.08 4.79
CA ALA A 144 16.30 -3.80 4.93
C ALA A 144 17.40 -2.74 5.05
N ASP A 145 17.31 -1.69 4.27
CA ASP A 145 18.45 -0.83 3.96
C ASP A 145 18.02 0.63 4.10
N ILE A 146 18.48 1.34 5.15
CA ILE A 146 18.27 2.81 5.16
C ILE A 146 19.62 3.51 5.32
N THR A 147 20.54 3.25 4.37
CA THR A 147 21.93 3.71 4.45
C THR A 147 22.18 5.05 3.78
N VAL A 148 21.17 5.72 3.23
CA VAL A 148 21.41 6.97 2.49
C VAL A 148 20.75 8.14 3.21
N PRO A 149 21.49 8.94 3.95
CA PRO A 149 20.85 10.05 4.67
C PRO A 149 20.20 11.02 3.71
N GLY A 150 19.06 11.57 4.14
CA GLY A 150 18.26 12.46 3.34
C GLY A 150 17.47 11.77 2.25
N GLN A 151 17.78 10.53 1.92
CA GLN A 151 16.94 9.79 1.01
C GLN A 151 16.16 8.69 1.71
N ASP A 152 16.87 7.88 2.50
CA ASP A 152 16.22 6.70 3.14
C ASP A 152 15.72 7.04 4.54
N LYS A 153 14.60 6.44 4.89
CA LYS A 153 14.01 6.70 6.22
C LYS A 153 13.06 5.55 6.52
N MET A 154 12.84 5.32 7.81
CA MET A 154 11.85 4.27 8.18
C MET A 154 10.79 4.95 9.06
N GLN A 155 9.53 4.83 8.66
CA GLN A 155 8.39 5.38 9.44
C GLN A 155 7.42 4.24 9.73
N ILE A 156 7.18 3.97 11.01
CA ILE A 156 6.28 2.88 11.43
C ILE A 156 5.22 3.50 12.33
N TYR A 157 3.97 3.15 12.09
CA TYR A 157 2.94 3.77 12.90
C TYR A 157 1.72 2.87 12.94
N LEU A 158 0.98 2.98 14.06
CA LEU A 158 -0.14 2.10 14.35
C LEU A 158 -1.38 2.96 14.53
N LYS A 159 -2.44 2.62 13.79
CA LYS A 159 -3.70 3.32 13.86
C LYS A 159 -4.74 2.44 14.52
N LYS A 160 -5.51 3.03 15.42
CA LYS A 160 -6.60 2.28 16.09
C LYS A 160 -7.84 2.45 15.22
N LEU A 161 -8.44 1.35 14.81
CA LEU A 161 -9.62 1.46 13.95
C LEU A 161 -10.90 1.42 14.79
N THR B 11 -12.43 11.92 9.65
CA THR B 11 -11.09 11.43 9.29
C THR B 11 -10.67 12.02 7.93
N LEU B 12 -11.57 12.06 6.96
CA LEU B 12 -11.22 12.54 5.61
C LEU B 12 -11.13 14.07 5.58
N MET B 13 -9.93 14.60 5.48
CA MET B 13 -9.74 16.06 5.41
C MET B 13 -10.17 16.59 4.03
N GLY B 14 -9.91 15.79 2.99
CA GLY B 14 -10.23 16.19 1.64
C GLY B 14 -9.74 15.14 0.67
N SER B 15 -10.27 15.23 -0.55
CA SER B 15 -9.81 14.32 -1.57
C SER B 15 -9.82 15.03 -2.92
N LEU B 16 -9.16 14.40 -3.88
CA LEU B 16 -9.02 14.93 -5.23
C LEU B 16 -9.03 13.75 -6.19
N THR B 17 -9.93 13.78 -7.19
CA THR B 17 -10.05 12.70 -8.15
C THR B 17 -9.91 13.21 -9.59
N MET B 18 -9.02 12.59 -10.35
CA MET B 18 -8.81 12.94 -11.74
C MET B 18 -9.02 11.68 -12.61
N LEU B 19 -10.04 11.73 -13.46
CA LEU B 19 -10.34 10.66 -14.41
C LEU B 19 -9.41 10.75 -15.61
N GLY B 20 -9.06 9.60 -16.18
CA GLY B 20 -8.14 9.58 -17.29
C GLY B 20 -8.70 10.29 -18.52
N LYS B 21 -7.80 10.77 -19.37
CA LYS B 21 -8.19 11.51 -20.57
C LYS B 21 -7.01 11.50 -21.52
N ALA B 22 -7.28 11.41 -22.83
CA ALA B 22 -6.19 11.35 -23.81
C ALA B 22 -5.32 12.58 -23.63
N GLY B 23 -4.02 12.38 -23.67
CA GLY B 23 -3.09 13.47 -23.51
C GLY B 23 -2.65 13.73 -22.07
N CYS B 24 -3.35 13.17 -21.09
CA CYS B 24 -3.05 13.48 -19.69
C CYS B 24 -1.93 12.58 -19.20
N GLN B 25 -0.71 12.98 -19.55
CA GLN B 25 0.50 12.21 -19.17
C GLN B 25 1.54 13.20 -18.67
N TRP B 26 2.13 12.93 -17.52
CA TRP B 26 3.19 13.81 -16.95
C TRP B 26 4.52 13.06 -17.00
N GLU B 27 5.59 13.75 -17.37
CA GLU B 27 6.91 13.07 -17.31
C GLU B 27 8.05 14.08 -17.32
N HIS B 28 9.18 13.69 -16.73
CA HIS B 28 10.36 14.55 -16.84
C HIS B 28 11.57 13.68 -16.63
N ALA B 29 12.72 14.22 -16.98
CA ALA B 29 13.98 13.50 -16.84
C ALA B 29 14.90 14.23 -15.88
N ASN B 30 14.32 14.78 -14.82
CA ASN B 30 15.13 15.50 -13.82
C ASN B 30 15.89 14.47 -12.96
N THR B 31 17.21 14.64 -12.84
CA THR B 31 18.05 13.75 -11.99
C THR B 31 17.88 14.14 -10.53
N SER B 32 17.29 15.31 -10.26
CA SER B 32 16.94 15.70 -8.87
C SER B 32 15.40 15.59 -8.72
N PHE B 33 14.91 15.32 -7.52
CA PHE B 33 13.46 15.21 -7.33
C PHE B 33 12.79 16.49 -7.81
N ALA B 34 11.72 16.34 -8.57
CA ALA B 34 10.97 17.46 -9.11
C ALA B 34 9.52 17.05 -9.32
N SER B 35 8.63 18.01 -9.06
CA SER B 35 7.21 17.77 -9.29
C SER B 35 6.93 17.83 -10.78
N PHE B 36 5.74 17.39 -11.15
CA PHE B 36 5.30 17.54 -12.54
C PHE B 36 4.58 18.89 -12.66
N SER B 37 4.21 19.28 -13.89
CA SER B 37 3.59 20.58 -14.09
C SER B 37 2.28 20.41 -14.87
N ASN B 38 1.55 21.52 -14.98
CA ASN B 38 0.23 21.50 -15.60
C ASN B 38 0.26 20.86 -16.99
N VAL B 39 -0.78 20.08 -17.28
CA VAL B 39 -1.00 19.51 -18.59
C VAL B 39 -2.42 19.89 -18.98
N VAL B 40 -2.57 20.69 -20.06
CA VAL B 40 -3.86 21.26 -20.41
C VAL B 40 -4.89 20.19 -20.74
N ALA B 41 -4.47 19.06 -21.32
CA ALA B 41 -5.45 18.03 -21.73
C ALA B 41 -6.15 17.32 -20.58
N CYS B 42 -5.64 17.40 -19.36
CA CYS B 42 -6.21 16.62 -18.28
C CYS B 42 -7.63 17.07 -17.94
N ASN B 43 -8.43 16.11 -17.48
CA ASN B 43 -9.69 16.46 -16.84
C ASN B 43 -9.40 17.30 -15.60
N THR B 44 -10.23 18.30 -15.36
CA THR B 44 -10.20 18.98 -14.09
C THR B 44 -10.50 17.95 -13.01
N ALA B 45 -9.75 18.00 -11.91
CA ALA B 45 -10.02 17.11 -10.79
C ALA B 45 -11.22 17.60 -10.02
N THR B 46 -12.01 16.66 -9.51
CA THR B 46 -13.07 17.02 -8.59
C THR B 46 -12.51 16.88 -7.18
N VAL B 47 -12.79 17.84 -6.33
CA VAL B 47 -12.22 17.90 -5.00
C VAL B 47 -13.38 17.82 -4.01
N THR B 48 -13.06 17.40 -2.79
CA THR B 48 -14.01 17.42 -1.68
C THR B 48 -13.31 17.86 -0.39
N GLY B 49 -14.15 18.31 0.54
CA GLY B 49 -13.68 18.63 1.88
C GLY B 49 -12.84 19.90 1.85
N LEU B 50 -11.68 19.86 2.54
CA LEU B 50 -10.77 20.99 2.62
C LEU B 50 -9.81 21.04 1.44
N ALA B 51 -9.89 20.08 0.53
CA ALA B 51 -8.93 19.97 -0.56
C ALA B 51 -9.25 20.94 -1.70
N SER B 52 -8.22 21.32 -2.46
CA SER B 52 -8.41 22.09 -3.70
C SER B 52 -7.34 21.66 -4.69
N ALA B 53 -7.51 22.08 -5.97
CA ALA B 53 -6.45 21.88 -6.94
C ALA B 53 -5.19 22.66 -6.52
N PRO B 54 -3.99 22.09 -6.73
CA PRO B 54 -2.77 22.91 -6.62
C PRO B 54 -2.86 24.18 -7.46
N THR B 55 -2.25 25.25 -6.95
CA THR B 55 -2.21 26.45 -7.77
C THR B 55 -1.43 26.20 -9.04
N GLU B 56 -0.54 25.21 -9.05
CA GLU B 56 0.18 24.92 -10.28
C GLU B 56 -0.69 24.25 -11.34
N GLY B 57 -1.92 23.86 -11.01
CA GLY B 57 -2.84 23.36 -12.01
C GLY B 57 -3.01 21.84 -11.99
N LYS B 58 -3.16 21.24 -13.17
CA LYS B 58 -3.52 19.83 -13.28
C LYS B 58 -2.26 19.01 -13.25
N ILE B 59 -1.92 18.49 -12.06
CA ILE B 59 -0.67 17.76 -11.79
C ILE B 59 -0.98 16.69 -10.75
N PRO B 60 -0.06 15.74 -10.51
CA PRO B 60 -0.24 14.82 -9.39
C PRO B 60 0.06 15.54 -8.08
N GLY B 61 -0.99 16.02 -7.42
CA GLY B 61 -0.81 16.77 -6.19
C GLY B 61 -2.17 17.16 -5.63
N ILE B 62 -2.13 17.67 -4.42
CA ILE B 62 -3.36 18.12 -3.77
C ILE B 62 -3.04 19.28 -2.84
N ARG B 63 -3.96 20.25 -2.75
CA ARG B 63 -3.72 21.46 -1.97
C ARG B 63 -4.73 21.58 -0.84
N PHE B 64 -4.24 22.02 0.33
CA PHE B 64 -5.05 22.40 1.49
C PHE B 64 -4.71 23.85 1.84
N ALA B 65 -5.60 24.77 1.46
CA ALA B 65 -5.44 26.17 1.84
C ALA B 65 -5.27 26.30 3.35
N ASN B 66 -6.01 25.52 4.12
CA ASN B 66 -5.90 25.50 5.57
C ASN B 66 -5.90 24.07 6.05
N LEU B 67 -4.97 23.73 6.97
CA LEU B 67 -4.92 22.41 7.59
C LEU B 67 -4.50 22.60 9.03
N PRO B 68 -5.27 22.09 9.99
CA PRO B 68 -4.90 22.19 11.41
C PRO B 68 -3.64 21.39 11.74
N ALA B 69 -2.99 21.78 12.83
CA ALA B 69 -1.92 20.98 13.39
C ALA B 69 -2.40 19.53 13.58
N GLY B 70 -1.49 18.57 13.42
CA GLY B 70 -1.87 17.19 13.65
C GLY B 70 -1.08 16.24 12.78
N ASP B 71 -1.50 14.96 12.82
CA ASP B 71 -0.83 13.88 12.11
C ASP B 71 -1.73 13.43 10.98
N TYR B 72 -1.14 13.19 9.82
CA TYR B 72 -1.90 12.92 8.61
C TYR B 72 -1.25 11.80 7.83
N GLU B 73 -2.11 11.00 7.22
CA GLU B 73 -1.69 9.98 6.28
C GLU B 73 -2.21 10.37 4.90
N LEU B 74 -1.30 10.61 3.98
CA LEU B 74 -1.64 10.94 2.59
C LEU B 74 -1.58 9.67 1.73
N THR B 75 -2.61 9.45 0.92
CA THR B 75 -2.58 8.31 0.01
C THR B 75 -2.79 8.79 -1.41
N VAL B 76 -1.96 8.30 -2.33
CA VAL B 76 -2.12 8.51 -3.76
C VAL B 76 -2.38 7.15 -4.40
N LEU B 77 -3.51 7.02 -5.05
CA LEU B 77 -3.79 5.86 -5.88
C LEU B 77 -3.73 6.38 -7.30
N ILE B 78 -2.81 5.85 -8.10
CA ILE B 78 -2.69 6.26 -9.49
C ILE B 78 -2.39 5.06 -10.35
N PHE B 79 -3.18 4.87 -11.39
CA PHE B 79 -2.83 3.88 -12.39
C PHE B 79 -2.47 4.64 -13.66
N SER B 80 -1.17 4.85 -13.91
CA SER B 80 -0.03 4.32 -13.12
C SER B 80 1.18 5.19 -13.39
N MET B 81 2.27 4.91 -12.69
CA MET B 81 3.52 5.63 -12.84
C MET B 81 4.63 4.63 -13.13
N TYR B 82 5.59 5.01 -14.00
CA TYR B 82 6.62 4.06 -14.42
C TYR B 82 7.71 4.80 -15.18
N PRO B 83 8.91 4.23 -15.25
CA PRO B 83 9.92 4.77 -16.15
C PRO B 83 9.60 4.40 -17.59
N VAL B 84 9.85 5.35 -18.47
CA VAL B 84 9.41 5.19 -19.84
C VAL B 84 10.25 4.16 -20.54
N ASP B 85 11.55 4.14 -20.24
CA ASP B 85 12.49 3.26 -20.94
C ASP B 85 12.90 2.07 -20.10
N ALA B 86 13.25 0.97 -20.78
CA ALA B 86 13.82 -0.16 -20.08
C ALA B 86 15.20 0.19 -19.55
N GLY B 87 15.61 -0.55 -18.52
CA GLY B 87 16.92 -0.32 -17.95
C GLY B 87 17.08 0.98 -17.22
N VAL B 88 15.97 1.67 -16.91
CA VAL B 88 16.03 2.97 -16.23
C VAL B 88 15.34 2.89 -14.86
N TYR B 89 16.03 3.37 -13.83
CA TYR B 89 15.46 3.36 -12.48
C TYR B 89 14.94 4.74 -12.15
N CYS B 90 13.71 4.80 -11.63
CA CYS B 90 13.06 6.03 -11.21
C CYS B 90 12.65 5.95 -9.75
N ARG B 91 12.99 6.97 -8.98
CA ARG B 91 12.51 7.14 -7.60
C ARG B 91 11.36 8.15 -7.56
N TYR B 92 10.37 7.86 -6.74
CA TYR B 92 9.22 8.72 -6.56
C TYR B 92 9.07 8.99 -5.07
N ARG B 93 8.62 10.19 -4.73
CA ARG B 93 8.33 10.49 -3.33
C ARG B 93 7.12 11.41 -3.21
N LEU B 94 6.51 11.41 -2.01
CA LEU B 94 5.50 12.39 -1.65
C LEU B 94 6.17 13.54 -0.91
N TRP B 95 5.79 14.76 -1.26
CA TRP B 95 6.56 15.95 -0.84
C TRP B 95 5.60 17.07 -0.46
N ASP B 96 5.80 17.74 0.68
CA ASP B 96 4.88 18.82 1.08
C ASP B 96 5.54 20.21 1.00
N GLY B 97 6.64 20.32 0.29
CA GLY B 97 7.41 21.52 0.20
C GLY B 97 8.58 21.56 1.15
N THR B 98 8.53 20.75 2.22
CA THR B 98 9.51 20.75 3.31
C THR B 98 10.00 19.35 3.59
N ASN B 99 9.05 18.41 3.75
CA ASN B 99 9.33 17.05 4.16
C ASN B 99 8.86 16.09 3.09
N PHE B 100 9.42 14.90 3.09
CA PHE B 100 8.94 13.85 2.19
C PHE B 100 8.54 12.64 3.03
N SER B 101 7.79 11.74 2.39
CA SER B 101 7.42 10.44 2.96
C SER B 101 7.03 9.54 1.79
N GLY B 102 6.99 8.24 2.06
CA GLY B 102 6.49 7.27 1.09
C GLY B 102 7.33 7.08 -0.16
N MET B 103 8.65 7.17 -0.05
CA MET B 103 9.47 6.95 -1.22
C MET B 103 9.27 5.55 -1.79
N ALA B 104 9.39 5.46 -3.12
CA ALA B 104 9.19 4.25 -3.92
C ALA B 104 10.08 4.31 -5.13
N GLY B 105 10.34 3.17 -5.74
CA GLY B 105 11.18 3.09 -6.91
C GLY B 105 10.49 2.21 -7.94
N ALA B 106 10.92 2.37 -9.19
CA ALA B 106 10.39 1.60 -10.31
C ALA B 106 11.54 1.31 -11.26
N TYR B 107 11.58 0.10 -11.76
CA TYR B 107 12.58 -0.30 -12.73
C TYR B 107 11.89 -1.37 -13.55
N GLU B 108 11.59 -1.08 -14.82
CA GLU B 108 10.82 -2.01 -15.65
C GLU B 108 9.57 -2.47 -14.89
N SER B 109 9.03 -1.57 -14.09
CA SER B 109 7.89 -1.88 -13.25
C SER B 109 7.09 -0.59 -13.09
N GLU B 110 5.96 -0.69 -12.39
CA GLU B 110 5.09 0.46 -12.20
C GLU B 110 4.81 0.67 -10.72
N ILE B 111 4.31 1.87 -10.41
CA ILE B 111 3.82 2.22 -9.09
C ILE B 111 2.33 2.55 -9.22
N TYR B 112 1.53 2.04 -8.28
CA TYR B 112 0.09 2.22 -8.27
C TYR B 112 -0.45 2.88 -7.03
N GLN B 113 0.31 2.90 -5.95
CA GLN B 113 -0.11 3.50 -4.69
C GLN B 113 1.13 4.02 -3.99
N MET B 114 0.99 5.19 -3.38
CA MET B 114 1.98 5.75 -2.48
C MET B 114 1.29 6.23 -1.23
N THR B 115 1.95 6.09 -0.10
CA THR B 115 1.40 6.51 1.16
C THR B 115 2.49 7.24 1.94
N GLY B 116 2.11 8.28 2.64
CA GLY B 116 3.08 9.07 3.39
C GLY B 116 2.50 9.57 4.68
N LEU B 117 3.38 9.73 5.67
CA LEU B 117 3.01 10.19 6.99
C LEU B 117 3.61 11.56 7.17
N PHE B 118 2.79 12.53 7.62
CA PHE B 118 3.21 13.91 7.76
C PHE B 118 2.68 14.46 9.08
N SER B 119 3.47 15.31 9.73
CA SER B 119 3.09 15.85 11.04
C SER B 119 3.34 17.35 11.06
N TYR B 120 2.41 18.11 11.64
CA TYR B 120 2.55 19.55 11.75
C TYR B 120 2.24 19.99 13.17
N ALA B 121 3.18 20.70 13.78
CA ALA B 121 2.94 21.21 15.14
C ALA B 121 2.08 22.46 15.15
N THR B 122 1.98 23.19 14.03
CA THR B 122 1.17 24.39 13.97
C THR B 122 0.23 24.27 12.77
N ASP B 123 -0.87 25.04 12.83
CA ASP B 123 -1.78 25.11 11.69
C ASP B 123 -1.01 25.52 10.42
N GLN B 124 -1.36 24.91 9.29
CA GLN B 124 -0.73 25.19 8.02
C GLN B 124 -1.65 25.99 7.10
N THR B 125 -1.06 26.86 6.28
CA THR B 125 -1.76 27.57 5.21
C THR B 125 -1.08 27.29 3.88
N ASN B 126 -1.88 27.18 2.82
CA ASN B 126 -1.35 27.03 1.48
C ASN B 126 -0.37 25.87 1.43
N LEU B 127 -0.83 24.72 1.90
CA LEU B 127 0.00 23.51 1.97
C LEU B 127 -0.34 22.61 0.77
N THR B 128 0.64 22.31 -0.08
CA THR B 128 0.42 21.42 -1.22
C THR B 128 1.27 20.17 -1.06
N PHE B 129 0.67 19.01 -1.25
CA PHE B 129 1.39 17.74 -1.37
C PHE B 129 1.56 17.40 -2.85
N TYR B 130 2.77 16.97 -3.23
CA TYR B 130 3.16 16.69 -4.60
C TYR B 130 3.71 15.27 -4.70
N VAL B 131 3.40 14.60 -5.81
CA VAL B 131 4.21 13.47 -6.24
C VAL B 131 5.42 14.06 -6.94
N GLN B 132 6.62 13.69 -6.51
CA GLN B 132 7.86 14.07 -7.19
C GLN B 132 8.57 12.82 -7.67
N ALA B 133 9.45 12.98 -8.66
CA ALA B 133 10.20 11.86 -9.25
C ALA B 133 11.60 12.32 -9.62
N GLN B 134 12.54 11.37 -9.66
CA GLN B 134 13.86 11.60 -10.21
C GLN B 134 14.26 10.37 -11.02
N THR B 135 14.86 10.62 -12.19
CA THR B 135 15.40 9.58 -13.04
C THR B 135 16.85 9.33 -12.67
N LEU B 136 17.27 8.09 -12.73
CA LEU B 136 18.67 7.80 -12.47
C LEU B 136 19.51 7.70 -13.74
N THR B 137 18.93 7.98 -14.92
CA THR B 137 19.66 8.12 -16.18
C THR B 137 19.24 9.42 -16.84
N ALA B 138 20.15 10.38 -16.92
CA ALA B 138 19.90 11.62 -17.66
C ALA B 138 19.30 11.36 -19.03
N THR B 139 18.38 12.23 -19.43
CA THR B 139 17.58 12.21 -20.67
C THR B 139 16.51 11.11 -20.72
N LYS B 140 16.42 10.23 -19.71
CA LYS B 140 15.38 9.19 -19.67
C LYS B 140 14.26 9.59 -18.72
N ASN B 141 13.04 9.60 -19.22
CA ASN B 141 11.91 10.13 -18.49
C ASN B 141 11.35 9.20 -17.43
N CYS B 142 10.82 9.84 -16.40
CA CYS B 142 9.97 9.18 -15.37
C CYS B 142 8.56 9.71 -15.67
N ARG B 143 7.56 8.84 -15.64
CA ARG B 143 6.23 9.18 -16.13
C ARG B 143 5.13 8.83 -15.12
N ALA B 144 4.08 9.65 -15.16
CA ALA B 144 2.81 9.40 -14.49
C ALA B 144 1.78 9.52 -15.59
N ASP B 145 0.93 8.51 -15.72
CA ASP B 145 0.18 8.26 -16.96
C ASP B 145 -1.27 7.96 -16.61
N ILE B 146 -2.18 8.89 -16.93
CA ILE B 146 -3.61 8.56 -16.89
C ILE B 146 -4.29 8.95 -18.19
N THR B 147 -3.77 8.42 -19.30
CA THR B 147 -4.21 8.80 -20.64
C THR B 147 -5.41 8.01 -21.15
N VAL B 148 -5.82 6.93 -20.51
CA VAL B 148 -6.87 6.07 -21.08
C VAL B 148 -8.19 6.36 -20.38
N PRO B 149 -9.17 6.98 -21.05
CA PRO B 149 -10.47 7.25 -20.41
C PRO B 149 -11.17 5.96 -20.03
N GLY B 150 -11.92 6.02 -18.94
CA GLY B 150 -12.61 4.86 -18.45
C GLY B 150 -11.73 3.83 -17.78
N GLN B 151 -10.41 3.87 -17.96
CA GLN B 151 -9.52 2.94 -17.28
C GLN B 151 -8.65 3.65 -16.24
N ASP B 152 -7.84 4.60 -16.68
CA ASP B 152 -6.87 5.21 -15.79
C ASP B 152 -7.56 6.23 -14.89
N LYS B 153 -6.98 6.43 -13.71
CA LYS B 153 -7.57 7.26 -12.69
C LYS B 153 -6.52 7.55 -11.63
N MET B 154 -6.62 8.76 -11.08
CA MET B 154 -5.87 9.20 -9.92
C MET B 154 -6.84 9.62 -8.81
N GLN B 155 -6.65 9.07 -7.60
CA GLN B 155 -7.37 9.49 -6.40
C GLN B 155 -6.37 9.82 -5.29
N ILE B 156 -6.43 11.04 -4.78
CA ILE B 156 -5.53 11.50 -3.72
C ILE B 156 -6.38 11.89 -2.51
N TYR B 157 -5.99 11.42 -1.33
CA TYR B 157 -6.81 11.81 -0.19
C TYR B 157 -5.97 11.86 1.08
N LEU B 158 -6.41 12.72 2.01
CA LEU B 158 -5.64 13.02 3.22
C LEU B 158 -6.47 12.66 4.44
N LYS B 159 -5.97 11.75 5.27
CA LYS B 159 -6.66 11.29 6.48
C LYS B 159 -6.01 11.92 7.70
N LYS B 160 -6.81 12.53 8.56
CA LYS B 160 -6.31 13.05 9.83
C LYS B 160 -6.32 11.93 10.84
N LEU B 161 -5.16 11.61 11.39
CA LEU B 161 -5.03 10.53 12.38
C LEU B 161 -5.12 11.10 13.81
N SER C 10 -16.40 2.66 16.23
CA SER C 10 -15.23 2.03 15.54
C SER C 10 -15.33 2.29 14.02
N THR C 11 -14.22 2.73 13.42
CA THR C 11 -14.18 3.03 11.96
C THR C 11 -14.08 1.74 11.15
N LEU C 12 -13.71 0.63 11.82
CA LEU C 12 -13.64 -0.68 11.11
C LEU C 12 -15.06 -1.18 10.87
N MET C 13 -15.56 -0.97 9.66
CA MET C 13 -16.92 -1.39 9.36
C MET C 13 -17.05 -2.90 9.43
N GLY C 14 -15.99 -3.63 9.06
CA GLY C 14 -16.04 -5.08 9.05
C GLY C 14 -14.83 -5.63 8.34
N SER C 15 -14.60 -6.91 8.59
CA SER C 15 -13.45 -7.59 7.96
C SER C 15 -13.81 -9.03 7.57
N LEU C 16 -12.98 -9.58 6.67
CA LEU C 16 -13.12 -10.95 6.17
C LEU C 16 -11.73 -11.54 6.05
N THR C 17 -11.54 -12.76 6.56
CA THR C 17 -10.23 -13.42 6.60
C THR C 17 -10.35 -14.84 6.07
N MET C 18 -9.46 -15.23 5.18
CA MET C 18 -9.48 -16.60 4.68
C MET C 18 -8.05 -17.11 4.75
N LEU C 19 -7.86 -18.26 5.43
CA LEU C 19 -6.54 -18.82 5.59
C LEU C 19 -6.25 -19.75 4.41
N GLY C 20 -4.97 -19.85 4.06
CA GLY C 20 -4.57 -20.65 2.89
C GLY C 20 -4.86 -22.12 3.06
N LYS C 21 -5.09 -22.80 1.93
CA LYS C 21 -5.48 -24.20 1.96
C LYS C 21 -5.21 -24.77 0.58
N ALA C 22 -4.70 -25.99 0.50
CA ALA C 22 -4.31 -26.53 -0.80
C ALA C 22 -5.51 -26.53 -1.74
N GLY C 23 -5.27 -26.15 -3.00
CA GLY C 23 -6.34 -25.97 -3.95
C GLY C 23 -7.05 -24.63 -3.92
N CYS C 24 -6.82 -23.76 -2.93
CA CYS C 24 -7.50 -22.46 -2.93
C CYS C 24 -6.72 -21.48 -3.79
N GLN C 25 -7.10 -21.52 -5.07
CA GLN C 25 -6.53 -20.58 -6.05
C GLN C 25 -7.65 -20.26 -7.05
N TRP C 26 -7.82 -18.99 -7.37
CA TRP C 26 -8.82 -18.53 -8.32
C TRP C 26 -8.10 -18.01 -9.57
N GLU C 27 -8.60 -18.37 -10.76
CA GLU C 27 -7.93 -17.86 -11.95
C GLU C 27 -8.87 -17.84 -13.14
N HIS C 28 -8.64 -16.88 -14.03
CA HIS C 28 -9.39 -16.88 -15.30
C HIS C 28 -8.61 -16.07 -16.33
N ALA C 29 -9.11 -16.09 -17.56
CA ALA C 29 -8.42 -15.36 -18.64
C ALA C 29 -9.35 -14.35 -19.29
N ASN C 30 -10.20 -13.71 -18.49
CA ASN C 30 -11.17 -12.75 -19.07
C ASN C 30 -10.41 -11.53 -19.60
N THR C 31 -10.61 -11.18 -20.87
CA THR C 31 -9.96 -9.98 -21.46
C THR C 31 -10.65 -8.73 -20.89
N SER C 32 -11.82 -8.91 -20.28
CA SER C 32 -12.51 -7.76 -19.63
C SER C 32 -12.50 -8.01 -18.12
N PHE C 33 -12.51 -6.95 -17.31
CA PHE C 33 -12.43 -7.11 -15.84
C PHE C 33 -13.52 -8.07 -15.39
N ALA C 34 -13.15 -9.07 -14.61
CA ALA C 34 -14.13 -10.02 -14.08
C ALA C 34 -13.74 -10.44 -12.68
N SER C 35 -14.76 -10.64 -11.83
CA SER C 35 -14.58 -11.25 -10.52
C SER C 35 -14.23 -12.74 -10.66
N PHE C 36 -13.78 -13.34 -9.56
CA PHE C 36 -13.53 -14.77 -9.53
C PHE C 36 -14.77 -15.51 -9.03
N SER C 37 -14.86 -16.83 -9.28
CA SER C 37 -16.00 -17.58 -8.77
C SER C 37 -15.61 -18.60 -7.70
N ASN C 38 -16.65 -19.18 -7.07
CA ASN C 38 -16.47 -20.02 -5.89
C ASN C 38 -15.45 -21.11 -6.15
N VAL C 39 -14.54 -21.31 -5.19
CA VAL C 39 -13.61 -22.44 -5.23
C VAL C 39 -13.88 -23.31 -4.01
N VAL C 40 -14.29 -24.56 -4.27
CA VAL C 40 -14.76 -25.42 -3.19
C VAL C 40 -13.64 -25.77 -2.22
N ALA C 41 -12.40 -25.86 -2.70
CA ALA C 41 -11.31 -26.25 -1.83
C ALA C 41 -10.97 -25.20 -0.79
N CYS C 42 -11.47 -23.96 -0.93
CA CYS C 42 -11.10 -22.89 -0.02
C CYS C 42 -11.76 -23.09 1.34
N ASN C 43 -11.07 -22.63 2.39
CA ASN C 43 -11.68 -22.44 3.70
C ASN C 43 -12.81 -21.43 3.61
N THR C 44 -13.86 -21.67 4.37
CA THR C 44 -14.85 -20.65 4.62
C THR C 44 -14.21 -19.40 5.24
N ALA C 45 -14.77 -18.24 4.93
CA ALA C 45 -14.22 -17.00 5.47
C ALA C 45 -14.66 -16.80 6.91
N THR C 46 -13.84 -16.06 7.67
CA THR C 46 -14.22 -15.53 8.98
C THR C 46 -14.53 -14.04 8.85
N VAL C 47 -15.63 -13.58 9.43
CA VAL C 47 -16.05 -12.20 9.26
C VAL C 47 -16.29 -11.53 10.60
N THR C 48 -16.15 -10.20 10.60
CA THR C 48 -16.47 -9.38 11.78
C THR C 48 -17.26 -8.16 11.35
N GLY C 49 -17.87 -7.53 12.35
CA GLY C 49 -18.53 -6.25 12.13
C GLY C 49 -19.79 -6.43 11.32
N LEU C 50 -20.01 -5.51 10.37
CA LEU C 50 -21.12 -5.56 9.42
C LEU C 50 -20.93 -6.56 8.27
N ALA C 51 -19.75 -7.20 8.17
CA ALA C 51 -19.42 -7.88 6.94
C ALA C 51 -20.01 -9.28 6.89
N SER C 52 -20.11 -9.78 5.65
CA SER C 52 -20.52 -11.16 5.40
C SER C 52 -19.71 -11.68 4.23
N ALA C 53 -19.80 -12.96 4.02
CA ALA C 53 -19.20 -13.56 2.82
C ALA C 53 -20.01 -13.16 1.61
N PRO C 54 -19.38 -12.97 0.44
CA PRO C 54 -20.13 -12.68 -0.78
C PRO C 54 -21.10 -13.81 -1.08
N THR C 55 -22.28 -13.45 -1.63
CA THR C 55 -23.23 -14.50 -1.99
C THR C 55 -22.69 -15.43 -3.09
N GLU C 56 -21.69 -15.00 -3.84
CA GLU C 56 -21.08 -15.88 -4.84
C GLU C 56 -20.24 -16.96 -4.20
N GLY C 57 -19.90 -16.82 -2.92
CA GLY C 57 -19.22 -17.92 -2.24
C GLY C 57 -17.81 -17.59 -1.80
N LYS C 58 -16.91 -18.57 -1.94
CA LYS C 58 -15.53 -18.40 -1.46
C LYS C 58 -14.71 -17.79 -2.61
N ILE C 59 -14.66 -16.46 -2.60
CA ILE C 59 -13.99 -15.69 -3.65
C ILE C 59 -13.24 -14.56 -2.98
N PRO C 60 -12.31 -13.90 -3.72
CA PRO C 60 -11.72 -12.62 -3.24
C PRO C 60 -12.76 -11.49 -3.23
N GLY C 61 -13.34 -11.23 -2.07
CA GLY C 61 -14.37 -10.21 -1.96
C GLY C 61 -14.94 -10.19 -0.56
N ILE C 62 -15.76 -9.15 -0.30
CA ILE C 62 -16.37 -8.93 1.02
C ILE C 62 -17.73 -8.27 0.79
N ARG C 63 -18.70 -8.68 1.60
N ARG C 63 -18.71 -8.68 1.59
CA ARG C 63 -20.07 -8.14 1.45
CA ARG C 63 -20.08 -8.13 1.44
C ARG C 63 -20.51 -7.32 2.67
C ARG C 63 -20.51 -7.31 2.66
N PHE C 64 -21.26 -6.25 2.41
CA PHE C 64 -21.83 -5.39 3.44
C PHE C 64 -23.33 -5.35 3.16
N ALA C 65 -24.09 -6.15 3.94
CA ALA C 65 -25.53 -6.18 3.78
C ALA C 65 -26.12 -4.78 3.91
N ASN C 66 -25.57 -3.95 4.80
CA ASN C 66 -25.89 -2.53 4.83
C ASN C 66 -24.58 -1.76 4.98
N LEU C 67 -24.57 -0.53 4.49
CA LEU C 67 -23.45 0.37 4.73
C LEU C 67 -23.95 1.82 4.71
N PRO C 68 -23.75 2.59 5.78
CA PRO C 68 -24.21 3.98 5.77
C PRO C 68 -23.52 4.80 4.70
N ALA C 69 -24.20 5.84 4.25
CA ALA C 69 -23.55 6.82 3.39
C ALA C 69 -22.22 7.26 4.00
N GLY C 70 -21.25 7.57 3.14
CA GLY C 70 -19.99 8.14 3.61
C GLY C 70 -18.84 7.74 2.71
N ASP C 71 -17.62 7.96 3.24
CA ASP C 71 -16.38 7.69 2.55
C ASP C 71 -15.63 6.55 3.21
N TYR C 72 -15.12 5.63 2.39
CA TYR C 72 -14.57 4.39 2.88
C TYR C 72 -13.27 4.07 2.16
N GLU C 73 -12.35 3.50 2.91
CA GLU C 73 -11.14 2.91 2.36
C GLU C 73 -11.21 1.41 2.50
N LEU C 74 -11.09 0.69 1.37
CA LEU C 74 -11.14 -0.76 1.32
C LEU C 74 -9.73 -1.26 1.15
N THR C 75 -9.29 -2.16 2.01
CA THR C 75 -7.95 -2.77 1.89
C THR C 75 -8.10 -4.27 1.68
N VAL C 76 -7.36 -4.81 0.71
CA VAL C 76 -7.18 -6.24 0.52
C VAL C 76 -5.70 -6.54 0.74
N LEU C 77 -5.41 -7.39 1.71
CA LEU C 77 -4.08 -7.93 1.90
C LEU C 77 -4.15 -9.40 1.45
N ILE C 78 -3.32 -9.78 0.49
CA ILE C 78 -3.38 -11.16 0.00
C ILE C 78 -1.99 -11.58 -0.46
N PHE C 79 -1.55 -12.75 0.00
CA PHE C 79 -0.29 -13.29 -0.50
C PHE C 79 -0.65 -14.56 -1.25
N SER C 80 -0.75 -14.51 -2.59
CA SER C 80 -0.52 -13.34 -3.46
C SER C 80 -1.35 -13.44 -4.76
N MET C 81 -1.24 -12.45 -5.63
CA MET C 81 -1.88 -12.49 -6.94
C MET C 81 -0.84 -12.28 -8.02
N TYR C 82 -0.98 -12.96 -9.14
CA TYR C 82 0.07 -12.90 -10.15
C TYR C 82 -0.45 -13.49 -11.47
N PRO C 83 0.16 -13.12 -12.59
CA PRO C 83 -0.15 -13.80 -13.85
C PRO C 83 0.52 -15.18 -13.90
N VAL C 84 -0.24 -16.15 -14.37
CA VAL C 84 0.21 -17.54 -14.33
C VAL C 84 1.46 -17.72 -15.20
N ASP C 85 1.53 -17.03 -16.32
CA ASP C 85 2.54 -17.26 -17.34
C ASP C 85 3.50 -16.09 -17.45
N ALA C 86 4.76 -16.39 -17.80
CA ALA C 86 5.72 -15.33 -18.07
C ALA C 86 5.29 -14.58 -19.33
N GLY C 87 5.67 -13.31 -19.42
CA GLY C 87 5.34 -12.53 -20.60
C GLY C 87 3.89 -12.08 -20.70
N VAL C 88 3.12 -12.19 -19.62
CA VAL C 88 1.71 -11.84 -19.61
C VAL C 88 1.49 -10.74 -18.58
N TYR C 89 0.75 -9.70 -18.97
CA TYR C 89 0.40 -8.59 -18.09
C TYR C 89 -1.04 -8.75 -17.61
N CYS C 90 -1.25 -8.68 -16.30
CA CYS C 90 -2.58 -8.72 -15.70
C CYS C 90 -2.87 -7.42 -14.98
N ARG C 91 -4.10 -6.91 -15.16
CA ARG C 91 -4.59 -5.80 -14.36
C ARG C 91 -5.56 -6.32 -13.32
N TYR C 92 -5.49 -5.77 -12.12
CA TYR C 92 -6.46 -6.05 -11.07
C TYR C 92 -7.10 -4.74 -10.61
N ARG C 93 -8.32 -4.84 -10.09
CA ARG C 93 -8.97 -3.64 -9.57
C ARG C 93 -9.96 -4.05 -8.50
N LEU C 94 -10.29 -3.07 -7.64
CA LEU C 94 -11.34 -3.26 -6.65
C LEU C 94 -12.64 -2.70 -7.25
N TRP C 95 -13.75 -3.41 -7.03
CA TRP C 95 -14.99 -3.14 -7.74
C TRP C 95 -16.17 -3.24 -6.77
N ASP C 96 -17.11 -2.27 -6.79
CA ASP C 96 -18.27 -2.39 -5.91
C ASP C 96 -19.57 -2.63 -6.70
N GLY C 97 -19.45 -3.08 -7.95
CA GLY C 97 -20.60 -3.19 -8.84
C GLY C 97 -20.95 -1.93 -9.58
N THR C 98 -20.35 -0.80 -9.24
CA THR C 98 -20.68 0.44 -9.93
C THR C 98 -19.41 1.18 -10.26
N ASN C 99 -18.52 1.31 -9.27
CA ASN C 99 -17.26 2.00 -9.47
C ASN C 99 -16.10 1.07 -9.13
N PHE C 100 -14.94 1.44 -9.63
CA PHE C 100 -13.70 0.77 -9.34
C PHE C 100 -12.72 1.74 -8.70
N SER C 101 -11.70 1.19 -8.08
CA SER C 101 -10.64 1.97 -7.42
C SER C 101 -9.47 1.03 -7.17
N GLY C 102 -8.29 1.62 -7.03
CA GLY C 102 -7.08 0.89 -6.69
C GLY C 102 -6.60 -0.08 -7.75
N MET C 103 -6.68 0.29 -9.02
CA MET C 103 -6.18 -0.54 -10.09
C MET C 103 -4.67 -0.77 -9.92
N ALA C 104 -4.26 -2.02 -10.11
CA ALA C 104 -2.85 -2.39 -10.01
C ALA C 104 -2.52 -3.32 -11.17
N GLY C 105 -1.24 -3.58 -11.39
CA GLY C 105 -0.84 -4.42 -12.51
C GLY C 105 0.24 -5.37 -12.08
N ALA C 106 0.42 -6.42 -12.86
CA ALA C 106 1.46 -7.42 -12.60
C ALA C 106 1.94 -8.01 -13.91
N TYR C 107 3.23 -8.37 -13.92
CA TYR C 107 3.91 -8.89 -15.10
C TYR C 107 5.15 -9.55 -14.54
N GLU C 108 5.18 -10.88 -14.56
CA GLU C 108 6.29 -11.61 -13.96
C GLU C 108 6.60 -11.07 -12.57
N SER C 109 5.52 -10.74 -11.83
CA SER C 109 5.60 -10.10 -10.53
C SER C 109 4.29 -10.41 -9.78
N GLU C 110 4.18 -9.91 -8.54
CA GLU C 110 3.07 -10.24 -7.68
C GLU C 110 2.46 -8.98 -7.05
N ILE C 111 1.19 -9.11 -6.65
CA ILE C 111 0.47 -8.09 -5.92
C ILE C 111 0.18 -8.66 -4.55
N TYR C 112 0.46 -7.87 -3.52
CA TYR C 112 0.26 -8.28 -2.13
C TYR C 112 -0.77 -7.43 -1.38
N GLN C 113 -1.11 -6.25 -1.90
CA GLN C 113 -2.04 -5.36 -1.25
C GLN C 113 -2.74 -4.54 -2.30
N MET C 114 -4.03 -4.29 -2.10
CA MET C 114 -4.76 -3.33 -2.91
C MET C 114 -5.57 -2.45 -1.99
N THR C 115 -5.72 -1.19 -2.40
CA THR C 115 -6.42 -0.19 -1.61
C THR C 115 -7.33 0.59 -2.55
N GLY C 116 -8.57 0.81 -2.10
CA GLY C 116 -9.53 1.59 -2.88
C GLY C 116 -10.26 2.60 -2.01
N LEU C 117 -10.66 3.69 -2.65
CA LEU C 117 -11.47 4.73 -2.02
C LEU C 117 -12.86 4.72 -2.67
N PHE C 118 -13.91 4.56 -1.85
CA PHE C 118 -15.28 4.45 -2.33
C PHE C 118 -16.14 5.42 -1.52
N SER C 119 -17.04 6.15 -2.19
CA SER C 119 -17.95 7.08 -1.52
C SER C 119 -19.37 6.79 -1.94
N TYR C 120 -20.29 6.94 -1.00
CA TYR C 120 -21.72 6.72 -1.21
C TYR C 120 -22.47 7.92 -0.63
N ALA C 121 -23.24 8.60 -1.47
CA ALA C 121 -24.04 9.70 -0.95
C ALA C 121 -25.29 9.23 -0.21
N THR C 122 -25.70 7.98 -0.37
CA THR C 122 -26.89 7.46 0.29
C THR C 122 -26.57 6.10 0.87
N ASP C 123 -27.36 5.70 1.86
CA ASP C 123 -27.18 4.41 2.51
C ASP C 123 -27.26 3.29 1.48
N GLN C 124 -26.41 2.28 1.67
CA GLN C 124 -26.26 1.19 0.73
C GLN C 124 -26.83 -0.08 1.35
N THR C 125 -27.44 -0.94 0.50
CA THR C 125 -27.94 -2.24 0.90
C THR C 125 -27.37 -3.27 -0.07
N ASN C 126 -27.00 -4.44 0.45
CA ASN C 126 -26.51 -5.53 -0.37
C ASN C 126 -25.34 -5.09 -1.25
N LEU C 127 -24.30 -4.57 -0.62
CA LEU C 127 -23.16 -4.01 -1.33
C LEU C 127 -21.99 -4.99 -1.25
N THR C 128 -21.49 -5.46 -2.39
CA THR C 128 -20.34 -6.33 -2.39
C THR C 128 -19.15 -5.66 -3.05
N PHE C 129 -17.97 -5.83 -2.46
CA PHE C 129 -16.70 -5.43 -3.06
C PHE C 129 -15.96 -6.70 -3.54
N TYR C 130 -15.44 -6.62 -4.77
CA TYR C 130 -14.73 -7.70 -5.46
C TYR C 130 -13.34 -7.28 -5.88
N VAL C 131 -12.42 -8.21 -5.80
CA VAL C 131 -11.19 -8.10 -6.55
C VAL C 131 -11.52 -8.64 -7.92
N GLN C 132 -11.25 -7.86 -8.97
CA GLN C 132 -11.44 -8.28 -10.36
C GLN C 132 -10.09 -8.25 -11.07
N ALA C 133 -10.00 -9.03 -12.14
CA ALA C 133 -8.77 -9.12 -12.92
C ALA C 133 -9.11 -9.11 -14.40
N GLN C 134 -8.07 -8.81 -15.18
CA GLN C 134 -8.17 -8.72 -16.62
C GLN C 134 -6.82 -9.14 -17.20
N THR C 135 -6.80 -10.07 -18.15
CA THR C 135 -5.52 -10.39 -18.80
C THR C 135 -5.35 -9.59 -20.08
N LEU C 136 -4.11 -9.23 -20.38
CA LEU C 136 -3.81 -8.56 -21.63
C LEU C 136 -3.32 -9.53 -22.70
N THR C 137 -3.28 -10.83 -22.41
CA THR C 137 -3.04 -11.83 -23.45
C THR C 137 -4.19 -12.83 -23.40
N ALA C 138 -5.00 -12.83 -24.45
CA ALA C 138 -6.12 -13.77 -24.51
C ALA C 138 -5.63 -15.20 -24.24
N THR C 139 -6.42 -15.92 -23.46
CA THR C 139 -6.28 -17.33 -23.02
C THR C 139 -5.23 -17.50 -21.92
N LYS C 140 -4.54 -16.43 -21.48
CA LYS C 140 -3.54 -16.50 -20.43
C LYS C 140 -4.15 -16.02 -19.12
N ASN C 141 -4.06 -16.84 -18.08
CA ASN C 141 -4.78 -16.62 -16.83
C ASN C 141 -4.10 -15.59 -15.92
N CYS C 142 -4.93 -14.83 -15.23
CA CYS C 142 -4.55 -14.08 -14.04
C CYS C 142 -5.05 -14.86 -12.83
N ARG C 143 -4.25 -14.91 -11.76
CA ARG C 143 -4.52 -15.79 -10.63
C ARG C 143 -4.43 -15.02 -9.33
N ALA C 144 -5.25 -15.45 -8.36
CA ALA C 144 -5.07 -15.12 -6.96
C ALA C 144 -4.88 -16.45 -6.24
N ASP C 145 -3.82 -16.55 -5.44
CA ASP C 145 -3.30 -17.83 -4.96
C ASP C 145 -3.17 -17.81 -3.44
N ILE C 146 -3.94 -18.65 -2.73
CA ILE C 146 -3.58 -18.81 -1.32
C ILE C 146 -3.59 -20.30 -0.98
N THR C 147 -2.85 -21.10 -1.75
CA THR C 147 -2.85 -22.57 -1.65
C THR C 147 -1.92 -23.13 -0.57
N VAL C 148 -1.09 -22.29 0.05
CA VAL C 148 -0.10 -22.81 1.03
C VAL C 148 -0.63 -22.59 2.46
N PRO C 149 -1.03 -23.67 3.18
CA PRO C 149 -1.56 -23.54 4.54
C PRO C 149 -0.45 -23.05 5.49
N GLY C 150 -0.83 -22.26 6.49
CA GLY C 150 0.15 -21.78 7.49
C GLY C 150 0.97 -20.62 6.98
N GLN C 151 0.83 -20.29 5.70
CA GLN C 151 1.63 -19.19 5.10
C GLN C 151 0.71 -18.19 4.42
N ASP C 152 -0.06 -18.67 3.44
CA ASP C 152 -0.86 -17.71 2.65
C ASP C 152 -2.14 -17.33 3.38
N LYS C 153 -2.56 -16.09 3.18
CA LYS C 153 -3.90 -15.76 3.63
C LYS C 153 -4.34 -14.46 2.99
N MET C 154 -5.63 -14.20 3.19
CA MET C 154 -6.31 -13.06 2.62
C MET C 154 -7.10 -12.38 3.74
N GLN C 155 -6.88 -11.06 3.86
CA GLN C 155 -7.58 -10.22 4.87
C GLN C 155 -8.17 -9.01 4.13
N ILE C 156 -9.47 -8.84 4.22
CA ILE C 156 -10.15 -7.74 3.55
C ILE C 156 -10.88 -6.94 4.61
N TYR C 157 -10.74 -5.62 4.57
CA TYR C 157 -11.41 -4.83 5.58
C TYR C 157 -11.74 -3.44 5.05
N LEU C 158 -12.85 -2.88 5.55
CA LEU C 158 -13.35 -1.56 5.14
C LEU C 158 -13.30 -0.61 6.33
N LYS C 159 -12.70 0.56 6.12
CA LYS C 159 -12.59 1.58 7.15
C LYS C 159 -13.40 2.80 6.75
N LYS C 160 -14.24 3.28 7.67
CA LYS C 160 -15.01 4.51 7.41
C LYS C 160 -14.09 5.70 7.66
N LEU C 161 -14.05 6.63 6.73
CA LEU C 161 -13.11 7.76 6.86
C LEU C 161 -13.79 9.01 7.43
#